data_1J8U
#
_entry.id   1J8U
#
_cell.length_a   66.441
_cell.length_b   108.676
_cell.length_c   124.418
_cell.angle_alpha   90.00
_cell.angle_beta   90.00
_cell.angle_gamma   90.00
#
_symmetry.space_group_name_H-M   'C 2 2 21'
#
loop_
_entity.id
_entity.type
_entity.pdbx_description
1 polymer PHENYLALANINE-4-HYDROXYLASE
2 non-polymer 'FE (II) ION'
3 non-polymer 5,6,7,8-TETRAHYDROBIOPTERIN
4 water water
#
_entity_poly.entity_id   1
_entity_poly.type   'polypeptide(L)'
_entity_poly.pdbx_seq_one_letter_code
;GATVHELSRDKKKDTVPWFPRTIQELDRFANQILSYGAELDADHPGFKDPVYRARRKQFADIAYNYRHGQPIPRVEYMEE
EKKTWGTVFKTLKSLYKTHACYEYNHIFPLLEKYCGFHEDNIPQLEDVSQFLQTCTGFRLRPVAGLLSSRDFLGGLAFRV
FHCTQYIRHGSKPMYTPEPDICHELLGHVPLFSDRSFAQFSQEIGLASLGAPDEYIEKLATIYWFTVEFGLCKQGDSIKA
YGAGLLSSFGELQYCLSEKPKLLPLELEKTAIQNYTVTEFQPLYYVAESFNDAKEKVRNFAATIPRPFSVRYDPYTQRIE
VLDNT
;
_entity_poly.pdbx_strand_id   A
#
loop_
_chem_comp.id
_chem_comp.type
_chem_comp.name
_chem_comp.formula
FE2 non-polymer 'FE (II) ION' 'Fe 2'
H4B non-polymer 5,6,7,8-TETRAHYDROBIOPTERIN 'C9 H15 N5 O3'
#
# COMPACT_ATOMS: atom_id res chain seq x y z
N VAL A 16 5.57 -6.24 -26.43
CA VAL A 16 5.65 -5.53 -25.15
C VAL A 16 4.26 -5.39 -24.53
N PRO A 17 4.06 -5.74 -23.25
CA PRO A 17 2.74 -5.57 -22.63
C PRO A 17 2.24 -4.11 -22.60
N TRP A 18 0.92 -3.93 -22.76
CA TRP A 18 0.37 -2.58 -22.74
C TRP A 18 0.63 -1.97 -21.38
N PHE A 19 0.89 -0.65 -21.34
CA PHE A 19 0.95 0.04 -20.06
C PHE A 19 0.41 1.44 -20.26
N PRO A 20 -0.17 2.02 -19.23
CA PRO A 20 -0.71 3.38 -19.34
C PRO A 20 0.39 4.40 -19.57
N ARG A 21 0.10 5.35 -20.45
CA ARG A 21 1.06 6.44 -20.67
C ARG A 21 0.51 7.79 -20.20
N THR A 22 -0.73 7.82 -19.73
CA THR A 22 -1.27 9.03 -19.12
C THR A 22 -1.92 8.63 -17.81
N ILE A 23 -2.04 9.58 -16.91
CA ILE A 23 -2.66 9.20 -15.63
C ILE A 23 -4.09 8.79 -15.80
N GLN A 24 -4.79 9.32 -16.77
CA GLN A 24 -6.20 8.94 -17.01
C GLN A 24 -6.36 7.49 -17.47
N GLU A 25 -5.34 6.99 -18.15
CA GLU A 25 -5.42 5.62 -18.65
C GLU A 25 -5.41 4.58 -17.52
N LEU A 26 -5.14 5.00 -16.27
CA LEU A 26 -5.31 4.06 -15.16
C LEU A 26 -6.77 3.63 -15.04
N ASP A 27 -7.71 4.38 -15.63
CA ASP A 27 -9.11 3.97 -15.62
C ASP A 27 -9.32 2.57 -16.24
N ARG A 28 -8.47 2.17 -17.19
CA ARG A 28 -8.60 0.83 -17.78
C ARG A 28 -8.52 -0.31 -16.78
N PHE A 29 -7.96 -0.12 -15.59
CA PHE A 29 -7.60 -1.14 -14.62
C PHE A 29 -8.78 -1.70 -13.86
N ALA A 30 -9.73 -0.80 -13.61
CA ALA A 30 -10.90 -1.24 -12.85
C ALA A 30 -11.78 -2.14 -13.70
N ASN A 31 -11.47 -2.35 -14.99
CA ASN A 31 -12.32 -3.42 -15.63
C ASN A 31 -11.45 -4.66 -15.80
N GLN A 32 -10.40 -4.78 -14.95
CA GLN A 32 -9.51 -5.91 -14.73
C GLN A 32 -9.30 -6.30 -13.28
N ILE A 33 -10.20 -6.36 -12.31
CA ILE A 33 -9.91 -6.91 -10.98
C ILE A 33 -10.40 -8.36 -10.84
N LEU A 34 -9.92 -9.11 -9.84
CA LEU A 34 -10.53 -10.39 -9.50
C LEU A 34 -11.97 -10.16 -9.01
N SER A 35 -12.97 -10.59 -9.77
CA SER A 35 -14.36 -10.24 -9.45
C SER A 35 -14.99 -11.02 -8.30
N TYR A 36 -14.40 -12.14 -7.98
CA TYR A 36 -14.88 -13.09 -6.97
C TYR A 36 -13.89 -13.13 -5.83
N GLY A 37 -14.08 -12.17 -4.93
CA GLY A 37 -13.19 -11.79 -3.88
C GLY A 37 -13.20 -12.62 -2.62
N ALA A 38 -12.37 -12.19 -1.69
CA ALA A 38 -12.17 -12.93 -0.46
C ALA A 38 -13.44 -12.94 0.36
N GLU A 39 -14.30 -11.94 0.23
CA GLU A 39 -15.44 -11.83 1.14
C GLU A 39 -16.48 -12.91 0.83
N LEU A 40 -16.36 -13.59 -0.32
CA LEU A 40 -17.21 -14.66 -0.76
C LEU A 40 -16.80 -16.03 -0.23
N ASP A 41 -15.67 -16.09 0.46
CA ASP A 41 -15.15 -17.34 0.95
C ASP A 41 -15.74 -17.75 2.29
N ALA A 42 -15.93 -19.06 2.41
CA ALA A 42 -16.63 -19.55 3.60
C ALA A 42 -15.86 -19.21 4.87
N ASP A 43 -14.56 -19.07 4.80
CA ASP A 43 -13.82 -18.74 6.02
C ASP A 43 -13.72 -17.25 6.29
N HIS A 44 -14.37 -16.42 5.50
CA HIS A 44 -14.21 -14.97 5.73
C HIS A 44 -14.94 -14.60 7.01
N PRO A 45 -14.39 -13.74 7.87
CA PRO A 45 -15.11 -13.36 9.11
C PRO A 45 -16.52 -12.87 8.86
N GLY A 46 -16.79 -12.26 7.71
CA GLY A 46 -18.13 -11.72 7.45
C GLY A 46 -18.97 -12.59 6.54
N PHE A 47 -18.55 -13.81 6.25
CA PHE A 47 -19.23 -14.62 5.24
C PHE A 47 -20.73 -14.80 5.44
N LYS A 48 -21.17 -15.06 6.65
CA LYS A 48 -22.59 -15.30 6.91
C LYS A 48 -23.40 -14.03 7.14
N ASP A 49 -22.80 -12.86 7.01
CA ASP A 49 -23.51 -11.60 7.30
C ASP A 49 -23.93 -10.95 6.00
N PRO A 50 -25.20 -10.99 5.65
CA PRO A 50 -25.61 -10.47 4.33
C PRO A 50 -25.60 -8.95 4.32
N VAL A 51 -25.65 -8.32 5.50
CA VAL A 51 -25.55 -6.85 5.50
C VAL A 51 -24.11 -6.45 5.17
N TYR A 52 -23.17 -7.16 5.77
CA TYR A 52 -21.75 -6.94 5.39
C TYR A 52 -21.53 -7.21 3.92
N ARG A 53 -22.13 -8.27 3.38
CA ARG A 53 -21.94 -8.58 1.95
C ARG A 53 -22.38 -7.40 1.09
N ALA A 54 -23.55 -6.82 1.47
CA ALA A 54 -24.09 -5.71 0.69
C ALA A 54 -23.25 -4.45 0.80
N ARG A 55 -22.72 -4.26 2.02
CA ARG A 55 -21.85 -3.11 2.28
C ARG A 55 -20.58 -3.21 1.44
N ARG A 56 -20.04 -4.43 1.34
CA ARG A 56 -18.85 -4.64 0.50
C ARG A 56 -19.22 -4.33 -0.95
N LYS A 57 -20.38 -4.77 -1.42
CA LYS A 57 -20.77 -4.50 -2.83
C LYS A 57 -20.93 -3.01 -3.06
N GLN A 58 -21.47 -2.30 -2.04
CA GLN A 58 -21.58 -0.84 -2.14
C GLN A 58 -20.23 -0.17 -2.32
N PHE A 59 -19.22 -0.53 -1.54
CA PHE A 59 -17.88 0.04 -1.76
C PHE A 59 -17.31 -0.41 -3.09
N ALA A 60 -17.56 -1.65 -3.53
CA ALA A 60 -16.98 -2.07 -4.82
C ALA A 60 -17.60 -1.23 -5.92
N ASP A 61 -18.91 -0.94 -5.77
CA ASP A 61 -19.55 -0.15 -6.86
C ASP A 61 -19.01 1.26 -6.89
N ILE A 62 -18.66 1.84 -5.73
CA ILE A 62 -17.99 3.15 -5.77
C ILE A 62 -16.69 3.10 -6.54
N ALA A 63 -15.84 2.10 -6.31
CA ALA A 63 -14.63 1.95 -7.08
C ALA A 63 -14.89 1.71 -8.58
N TYR A 64 -15.89 0.89 -8.90
CA TYR A 64 -16.17 0.58 -10.29
C TYR A 64 -16.55 1.83 -11.08
N ASN A 65 -17.30 2.70 -10.43
CA ASN A 65 -17.82 3.89 -11.09
C ASN A 65 -16.87 5.07 -11.00
N TYR A 66 -15.81 4.97 -10.23
CA TYR A 66 -14.85 6.06 -10.13
C TYR A 66 -14.06 6.28 -11.41
N ARG A 67 -13.79 7.53 -11.74
CA ARG A 67 -12.91 7.83 -12.86
C ARG A 67 -11.83 8.84 -12.43
N HIS A 68 -10.65 8.72 -13.02
CA HIS A 68 -9.55 9.63 -12.71
C HIS A 68 -10.01 11.08 -12.72
N GLY A 69 -9.54 11.86 -11.73
CA GLY A 69 -9.91 13.25 -11.72
C GLY A 69 -11.10 13.58 -10.83
N GLN A 70 -11.99 12.62 -10.55
CA GLN A 70 -13.19 12.90 -9.77
C GLN A 70 -12.88 13.01 -8.28
N PRO A 71 -13.70 13.68 -7.49
CA PRO A 71 -13.56 13.59 -6.02
C PRO A 71 -13.93 12.14 -5.64
N ILE A 72 -13.25 11.59 -4.63
CA ILE A 72 -13.64 10.24 -4.17
C ILE A 72 -14.90 10.34 -3.34
N PRO A 73 -15.98 9.66 -3.66
CA PRO A 73 -17.22 9.78 -2.87
C PRO A 73 -17.00 9.54 -1.38
N ARG A 74 -17.63 10.42 -0.58
CA ARG A 74 -17.58 10.31 0.87
C ARG A 74 -18.65 9.28 1.28
N VAL A 75 -18.31 8.54 2.34
CA VAL A 75 -19.29 7.53 2.81
C VAL A 75 -19.53 7.75 4.29
N GLU A 76 -20.81 7.69 4.69
CA GLU A 76 -21.06 7.76 6.12
C GLU A 76 -20.85 6.36 6.70
N TYR A 77 -19.82 6.20 7.54
CA TYR A 77 -19.57 4.90 8.18
C TYR A 77 -20.53 4.66 9.32
N MET A 78 -20.91 3.39 9.50
CA MET A 78 -21.84 3.07 10.58
C MET A 78 -21.13 3.05 11.93
N GLU A 79 -21.92 3.10 13.01
CA GLU A 79 -21.28 3.10 14.32
C GLU A 79 -20.43 1.86 14.53
N GLU A 80 -20.90 0.70 14.05
CA GLU A 80 -20.14 -0.53 14.25
C GLU A 80 -18.83 -0.50 13.51
N GLU A 81 -18.82 0.11 12.34
CA GLU A 81 -17.58 0.23 11.57
C GLU A 81 -16.62 1.15 12.27
N LYS A 82 -17.12 2.26 12.79
CA LYS A 82 -16.21 3.16 13.53
C LYS A 82 -15.68 2.49 14.77
N LYS A 83 -16.46 1.59 15.38
CA LYS A 83 -15.92 0.89 16.58
C LYS A 83 -14.76 -0.02 16.19
N THR A 84 -14.89 -0.75 15.09
CA THR A 84 -13.83 -1.65 14.60
C THR A 84 -12.58 -0.82 14.34
N TRP A 85 -12.72 0.30 13.61
CA TRP A 85 -11.58 1.18 13.32
C TRP A 85 -10.94 1.57 14.64
N GLY A 86 -11.75 2.00 15.62
CA GLY A 86 -11.19 2.48 16.86
C GLY A 86 -10.37 1.45 17.60
N THR A 87 -10.84 0.20 17.61
CA THR A 87 -10.07 -0.90 18.21
C THR A 87 -8.72 -1.08 17.56
N VAL A 88 -8.70 -1.06 16.23
CA VAL A 88 -7.45 -1.21 15.48
C VAL A 88 -6.53 -0.03 15.72
N PHE A 89 -7.09 1.18 15.62
CA PHE A 89 -6.38 2.43 15.80
C PHE A 89 -5.74 2.48 17.16
N LYS A 90 -6.48 2.24 18.23
CA LYS A 90 -5.90 2.45 19.55
C LYS A 90 -4.88 1.40 19.90
N THR A 91 -5.12 0.14 19.48
CA THR A 91 -4.15 -0.92 19.82
C THR A 91 -2.87 -0.70 19.02
N LEU A 92 -2.92 -0.39 17.73
CA LEU A 92 -1.69 -0.14 16.95
C LEU A 92 -0.97 1.12 17.39
N LYS A 93 -1.72 2.19 17.69
CA LYS A 93 -1.08 3.49 18.01
C LYS A 93 -0.12 3.37 19.16
N SER A 94 -0.39 2.48 20.10
CA SER A 94 0.45 2.21 21.25
C SER A 94 1.86 1.74 20.86
N LEU A 95 2.07 1.31 19.64
CA LEU A 95 3.42 0.79 19.28
C LEU A 95 4.24 1.74 18.43
N TYR A 96 3.58 2.76 17.85
CA TYR A 96 4.30 3.49 16.78
C TYR A 96 5.49 4.33 17.25
N LYS A 97 5.37 5.00 18.40
CA LYS A 97 6.48 5.87 18.83
C LYS A 97 7.78 5.08 18.91
N THR A 98 7.67 3.81 19.38
CA THR A 98 8.88 3.02 19.60
C THR A 98 9.26 2.12 18.44
N HIS A 99 8.32 1.71 17.58
CA HIS A 99 8.56 0.71 16.56
C HIS A 99 8.51 1.26 15.15
N ALA A 100 7.77 2.36 14.89
CA ALA A 100 7.69 2.89 13.52
C ALA A 100 8.83 3.83 13.22
N CYS A 101 9.17 3.89 11.95
CA CYS A 101 10.25 4.80 11.52
C CYS A 101 9.87 6.25 11.75
N TYR A 102 10.93 7.08 11.79
CA TYR A 102 10.77 8.51 11.99
C TYR A 102 9.72 9.13 11.05
N GLU A 103 9.79 8.71 9.79
CA GLU A 103 8.89 9.35 8.81
C GLU A 103 7.43 9.16 9.19
N TYR A 104 7.13 7.97 9.74
CA TYR A 104 5.75 7.63 10.15
C TYR A 104 5.37 8.55 11.29
N ASN A 105 6.24 8.57 12.32
CA ASN A 105 5.90 9.35 13.52
C ASN A 105 5.87 10.85 13.27
N HIS A 106 6.65 11.29 12.27
CA HIS A 106 6.62 12.72 11.92
C HIS A 106 5.26 13.15 11.36
N ILE A 107 4.70 12.32 10.49
CA ILE A 107 3.48 12.75 9.81
C ILE A 107 2.21 12.36 10.58
N PHE A 108 2.26 11.35 11.43
CA PHE A 108 0.98 10.92 12.03
C PHE A 108 0.22 11.99 12.78
N PRO A 109 0.82 12.84 13.59
CA PRO A 109 0.03 13.90 14.20
C PRO A 109 -0.61 14.87 13.23
N LEU A 110 -0.05 15.04 12.04
CA LEU A 110 -0.69 15.94 11.07
C LEU A 110 -1.88 15.20 10.44
N LEU A 111 -1.78 13.87 10.25
CA LEU A 111 -2.94 13.12 9.82
C LEU A 111 -4.06 13.20 10.85
N GLU A 112 -3.66 13.17 12.14
CA GLU A 112 -4.67 13.30 13.18
C GLU A 112 -5.35 14.67 13.11
N LYS A 113 -4.54 15.72 12.95
CA LYS A 113 -5.07 17.08 13.00
C LYS A 113 -5.80 17.44 11.72
N TYR A 114 -5.34 17.04 10.54
CA TYR A 114 -5.87 17.54 9.29
C TYR A 114 -6.67 16.51 8.52
N CYS A 115 -6.57 15.23 8.83
CA CYS A 115 -7.37 14.23 8.12
C CYS A 115 -8.37 13.45 8.96
N GLY A 116 -8.56 13.81 10.21
CA GLY A 116 -9.54 13.10 11.03
C GLY A 116 -9.12 11.71 11.43
N PHE A 117 -7.81 11.43 11.52
CA PHE A 117 -7.39 10.15 12.09
C PHE A 117 -7.59 10.19 13.62
N HIS A 118 -8.70 9.64 14.10
CA HIS A 118 -8.96 9.58 15.53
C HIS A 118 -9.68 8.24 15.84
N GLU A 119 -9.70 7.77 17.07
CA GLU A 119 -10.31 6.48 17.40
C GLU A 119 -11.78 6.40 17.03
N ASP A 120 -12.47 7.56 16.97
CA ASP A 120 -13.91 7.57 16.74
C ASP A 120 -14.28 8.12 15.37
N ASN A 121 -13.31 8.12 14.45
CA ASN A 121 -13.61 8.69 13.13
C ASN A 121 -12.84 7.96 12.03
N ILE A 122 -13.53 7.43 11.04
CA ILE A 122 -12.82 6.85 9.89
C ILE A 122 -12.56 7.93 8.85
N PRO A 123 -11.28 8.22 8.56
CA PRO A 123 -11.00 9.28 7.58
C PRO A 123 -11.61 9.01 6.23
N GLN A 124 -12.04 10.10 5.57
CA GLN A 124 -12.51 9.94 4.18
C GLN A 124 -11.39 9.94 3.16
N LEU A 125 -11.50 9.08 2.13
CA LEU A 125 -10.33 9.00 1.22
C LEU A 125 -10.08 10.29 0.46
N GLU A 126 -11.13 11.07 0.16
CA GLU A 126 -10.88 12.33 -0.54
C GLU A 126 -9.97 13.24 0.27
N ASP A 127 -10.27 13.33 1.58
CA ASP A 127 -9.40 14.17 2.44
C ASP A 127 -7.97 13.64 2.50
N VAL A 128 -7.79 12.32 2.63
CA VAL A 128 -6.43 11.77 2.70
C VAL A 128 -5.71 11.99 1.38
N SER A 129 -6.45 11.84 0.26
CA SER A 129 -5.82 12.03 -1.05
C SER A 129 -5.34 13.45 -1.19
N GLN A 130 -6.15 14.45 -0.84
CA GLN A 130 -5.72 15.84 -0.96
C GLN A 130 -4.51 16.11 -0.07
N PHE A 131 -4.52 15.51 1.12
CA PHE A 131 -3.38 15.65 2.03
C PHE A 131 -2.10 15.12 1.38
N LEU A 132 -2.18 13.87 0.88
CA LEU A 132 -1.01 13.28 0.25
C LEU A 132 -0.55 14.10 -0.95
N GLN A 133 -1.50 14.66 -1.70
CA GLN A 133 -1.08 15.46 -2.87
C GLN A 133 -0.26 16.65 -2.41
N THR A 134 -0.64 17.29 -1.29
CA THR A 134 0.15 18.42 -0.83
C THR A 134 1.52 18.00 -0.32
N CYS A 135 1.65 16.73 0.14
CA CYS A 135 2.92 16.28 0.68
C CYS A 135 3.91 15.91 -0.43
N THR A 136 3.46 15.09 -1.35
CA THR A 136 4.35 14.46 -2.34
C THR A 136 3.70 14.30 -3.71
N GLY A 137 2.51 14.83 -3.93
CA GLY A 137 1.87 14.55 -5.23
C GLY A 137 1.25 13.18 -5.27
N PHE A 138 1.37 12.36 -4.23
CA PHE A 138 0.65 11.08 -4.23
C PHE A 138 -0.85 11.32 -4.15
N ARG A 139 -1.61 10.48 -4.85
CA ARG A 139 -3.06 10.50 -4.72
C ARG A 139 -3.63 9.08 -4.54
N LEU A 140 -4.84 9.06 -4.04
CA LEU A 140 -5.54 7.77 -3.92
C LEU A 140 -6.55 7.61 -5.06
N ARG A 141 -6.82 6.35 -5.40
CA ARG A 141 -7.95 5.95 -6.21
C ARG A 141 -8.72 4.84 -5.51
N PRO A 142 -10.02 4.88 -5.31
CA PRO A 142 -10.69 3.76 -4.61
C PRO A 142 -10.63 2.54 -5.52
N VAL A 143 -10.38 1.39 -4.89
CA VAL A 143 -10.26 0.14 -5.61
C VAL A 143 -11.10 -0.89 -4.88
N ALA A 144 -11.64 -1.73 -5.76
CA ALA A 144 -12.73 -2.62 -5.44
C ALA A 144 -12.19 -3.89 -4.81
N GLY A 145 -10.99 -4.30 -5.22
CA GLY A 145 -10.49 -5.59 -4.75
C GLY A 145 -9.10 -5.82 -5.34
N LEU A 146 -8.69 -7.06 -5.53
CA LEU A 146 -7.30 -7.36 -5.85
C LEU A 146 -6.96 -7.05 -7.28
N LEU A 147 -5.99 -6.16 -7.51
CA LEU A 147 -5.49 -5.92 -8.88
C LEU A 147 -4.37 -6.90 -9.20
N SER A 148 -4.08 -7.09 -10.48
CA SER A 148 -2.86 -7.80 -10.84
C SER A 148 -1.67 -7.02 -10.31
N SER A 149 -0.54 -7.69 -10.07
CA SER A 149 0.66 -6.96 -9.67
C SER A 149 1.03 -5.92 -10.72
N ARG A 150 0.84 -6.25 -11.99
CA ARG A 150 1.20 -5.32 -13.06
C ARG A 150 0.40 -4.04 -12.93
N ASP A 151 -0.92 -4.13 -12.73
CA ASP A 151 -1.73 -2.90 -12.71
C ASP A 151 -1.53 -2.11 -11.41
N PHE A 152 -1.43 -2.86 -10.30
CA PHE A 152 -1.19 -2.17 -9.03
C PHE A 152 0.13 -1.41 -9.06
N LEU A 153 1.21 -2.08 -9.48
CA LEU A 153 2.50 -1.38 -9.51
C LEU A 153 2.50 -0.25 -10.53
N GLY A 154 1.84 -0.46 -11.68
CA GLY A 154 1.87 0.59 -12.71
C GLY A 154 1.28 1.87 -12.13
N GLY A 155 0.25 1.81 -11.28
CA GLY A 155 -0.26 3.08 -10.73
C GLY A 155 0.80 3.84 -9.94
N LEU A 156 1.72 3.12 -9.29
CA LEU A 156 2.76 3.81 -8.52
C LEU A 156 3.65 4.70 -9.39
N ALA A 157 3.82 4.36 -10.67
CA ALA A 157 4.63 5.16 -11.59
C ALA A 157 4.05 6.57 -11.69
N PHE A 158 2.77 6.71 -11.47
CA PHE A 158 2.06 8.00 -11.53
C PHE A 158 1.89 8.61 -10.14
N ARG A 159 2.51 8.04 -9.12
CA ARG A 159 2.23 8.34 -7.72
C ARG A 159 0.71 8.23 -7.47
N VAL A 160 0.09 7.15 -7.92
CA VAL A 160 -1.29 6.78 -7.61
C VAL A 160 -1.28 5.48 -6.81
N PHE A 161 -1.91 5.55 -5.63
CA PHE A 161 -2.06 4.36 -4.78
C PHE A 161 -3.50 3.88 -4.86
N HIS A 162 -3.74 2.70 -5.40
CA HIS A 162 -5.09 2.12 -5.43
C HIS A 162 -5.43 1.68 -4.00
N CYS A 163 -6.48 2.21 -3.43
CA CYS A 163 -6.77 2.18 -2.01
C CYS A 163 -8.15 1.64 -1.71
N THR A 164 -8.29 0.65 -0.83
CA THR A 164 -9.65 0.17 -0.50
C THR A 164 -10.35 1.14 0.44
N GLN A 165 -11.70 1.08 0.45
CA GLN A 165 -12.52 1.98 1.25
C GLN A 165 -13.39 1.23 2.25
N TYR A 166 -13.50 -0.11 2.08
CA TYR A 166 -14.28 -0.92 2.99
C TYR A 166 -13.49 -1.22 4.27
N ILE A 167 -14.15 -1.69 5.31
CA ILE A 167 -13.48 -2.12 6.54
C ILE A 167 -13.71 -3.61 6.77
N ARG A 168 -12.78 -4.25 7.47
CA ARG A 168 -12.92 -5.62 7.94
C ARG A 168 -14.21 -5.83 8.74
N HIS A 169 -14.68 -7.07 8.77
CA HIS A 169 -15.86 -7.40 9.57
C HIS A 169 -15.61 -7.20 11.05
N GLY A 170 -16.63 -6.68 11.78
CA GLY A 170 -16.47 -6.26 13.15
C GLY A 170 -16.32 -7.42 14.14
N SER A 171 -16.58 -8.64 13.68
CA SER A 171 -16.45 -9.77 14.61
C SER A 171 -15.00 -10.03 14.97
N LYS A 172 -14.08 -9.60 14.09
CA LYS A 172 -12.67 -9.91 14.33
C LYS A 172 -11.82 -8.68 14.02
N PRO A 173 -11.90 -7.67 14.89
CA PRO A 173 -11.26 -6.39 14.59
C PRO A 173 -9.75 -6.53 14.44
N MET A 174 -9.07 -7.51 15.03
CA MET A 174 -7.62 -7.54 14.94
C MET A 174 -7.19 -8.36 13.74
N TYR A 175 -8.13 -8.83 12.93
CA TYR A 175 -7.75 -9.76 11.88
C TYR A 175 -8.31 -9.36 10.54
N THR A 176 -7.43 -9.33 9.52
CA THR A 176 -7.99 -9.23 8.16
C THR A 176 -7.20 -10.11 7.19
N PRO A 177 -7.93 -10.88 6.37
CA PRO A 177 -7.31 -11.73 5.34
C PRO A 177 -7.05 -10.93 4.07
N GLU A 178 -7.17 -9.57 4.15
CA GLU A 178 -7.11 -8.77 2.93
C GLU A 178 -6.79 -7.32 3.31
N PRO A 179 -6.43 -6.52 2.31
CA PRO A 179 -6.28 -5.09 2.63
C PRO A 179 -7.67 -4.62 3.03
N ASP A 180 -7.73 -3.77 4.01
CA ASP A 180 -8.96 -3.03 4.26
C ASP A 180 -8.54 -1.60 4.57
N ILE A 181 -9.52 -0.75 4.90
CA ILE A 181 -9.19 0.69 5.08
C ILE A 181 -8.23 0.89 6.25
N CYS A 182 -8.32 0.05 7.30
CA CYS A 182 -7.36 0.21 8.42
C CYS A 182 -5.95 -0.04 7.93
N HIS A 183 -5.75 -1.08 7.15
CA HIS A 183 -4.40 -1.33 6.57
C HIS A 183 -3.92 -0.22 5.69
N GLU A 184 -4.80 0.26 4.80
CA GLU A 184 -4.36 1.33 3.89
C GLU A 184 -3.98 2.58 4.65
N LEU A 185 -4.82 3.04 5.58
CA LEU A 185 -4.62 4.34 6.23
C LEU A 185 -3.54 4.29 7.29
N LEU A 186 -3.51 3.20 8.06
CA LEU A 186 -2.52 3.13 9.15
C LEU A 186 -1.23 2.51 8.68
N GLY A 187 -1.27 1.69 7.63
CA GLY A 187 -0.04 1.07 7.17
C GLY A 187 0.63 1.80 6.01
N HIS A 188 -0.13 2.12 4.95
CA HIS A 188 0.50 2.70 3.77
C HIS A 188 0.57 4.23 3.74
N VAL A 189 -0.56 4.87 4.05
CA VAL A 189 -0.62 6.34 3.82
C VAL A 189 0.48 7.11 4.50
N PRO A 190 0.84 6.85 5.74
CA PRO A 190 1.86 7.74 6.36
C PRO A 190 3.18 7.75 5.61
N LEU A 191 3.55 6.63 5.00
CA LEU A 191 4.87 6.62 4.28
C LEU A 191 4.79 7.35 2.95
N PHE A 192 3.63 7.34 2.30
CA PHE A 192 3.51 8.07 1.02
C PHE A 192 3.57 9.58 1.26
N SER A 193 3.52 10.03 2.50
CA SER A 193 3.68 11.46 2.81
C SER A 193 5.14 11.92 2.78
N ASP A 194 6.08 10.99 2.70
CA ASP A 194 7.51 11.30 2.73
C ASP A 194 8.06 11.33 1.32
N ARG A 195 8.78 12.43 0.97
CA ARG A 195 9.29 12.53 -0.40
C ARG A 195 10.15 11.34 -0.81
N SER A 196 11.16 11.00 0.04
CA SER A 196 12.07 9.92 -0.38
C SER A 196 11.34 8.61 -0.53
N PHE A 197 10.38 8.32 0.36
CA PHE A 197 9.58 7.11 0.14
C PHE A 197 8.74 7.16 -1.12
N ALA A 198 8.11 8.31 -1.37
CA ALA A 198 7.31 8.43 -2.59
C ALA A 198 8.16 8.16 -3.83
N GLN A 199 9.36 8.75 -3.84
CA GLN A 199 10.28 8.52 -4.98
C GLN A 199 10.67 7.03 -5.13
N PHE A 200 10.97 6.41 -3.98
CA PHE A 200 11.31 4.98 -3.97
C PHE A 200 10.14 4.15 -4.49
N SER A 201 8.94 4.38 -3.96
CA SER A 201 7.82 3.53 -4.41
C SER A 201 7.52 3.74 -5.88
N GLN A 202 7.63 5.00 -6.32
CA GLN A 202 7.39 5.33 -7.73
C GLN A 202 8.40 4.62 -8.63
N GLU A 203 9.62 4.46 -8.17
CA GLU A 203 10.67 3.78 -8.96
C GLU A 203 10.29 2.33 -9.23
N ILE A 204 9.70 1.67 -8.24
CA ILE A 204 9.18 0.31 -8.46
C ILE A 204 8.10 0.34 -9.54
N GLY A 205 7.20 1.32 -9.46
CA GLY A 205 6.16 1.46 -10.47
C GLY A 205 6.76 1.68 -11.85
N LEU A 206 7.73 2.57 -11.99
CA LEU A 206 8.36 2.81 -13.30
C LEU A 206 9.04 1.55 -13.83
N ALA A 207 9.71 0.80 -12.94
CA ALA A 207 10.36 -0.45 -13.39
C ALA A 207 9.37 -1.45 -13.98
N SER A 208 8.12 -1.40 -13.51
CA SER A 208 7.10 -2.33 -13.93
C SER A 208 6.52 -2.07 -15.31
N LEU A 209 6.62 -0.84 -15.79
CA LEU A 209 5.88 -0.52 -17.02
C LEU A 209 6.42 -1.29 -18.21
N GLY A 210 5.56 -2.11 -18.82
CA GLY A 210 6.00 -2.90 -19.97
C GLY A 210 6.97 -4.00 -19.62
N ALA A 211 7.20 -4.29 -18.32
CA ALA A 211 8.12 -5.37 -17.95
C ALA A 211 7.54 -6.73 -18.28
N PRO A 212 8.33 -7.72 -18.65
CA PRO A 212 7.77 -9.08 -18.82
C PRO A 212 7.18 -9.62 -17.51
N ASP A 213 6.18 -10.52 -17.60
CA ASP A 213 5.55 -11.07 -16.42
C ASP A 213 6.56 -11.61 -15.42
N GLU A 214 7.63 -12.22 -15.92
CA GLU A 214 8.64 -12.84 -15.05
C GLU A 214 9.20 -11.76 -14.13
N TYR A 215 9.45 -10.57 -14.72
CA TYR A 215 10.02 -9.47 -13.93
C TYR A 215 8.98 -8.78 -13.07
N ILE A 216 7.71 -8.75 -13.49
CA ILE A 216 6.68 -8.21 -12.60
C ILE A 216 6.67 -9.02 -11.32
N GLU A 217 6.79 -10.36 -11.39
CA GLU A 217 6.78 -11.16 -10.15
C GLU A 217 8.01 -10.83 -9.32
N LYS A 218 9.17 -10.60 -9.90
CA LYS A 218 10.35 -10.21 -9.12
C LYS A 218 10.12 -8.83 -8.52
N LEU A 219 9.52 -7.89 -9.26
CA LEU A 219 9.23 -6.58 -8.63
C LEU A 219 8.18 -6.71 -7.52
N ALA A 220 7.16 -7.57 -7.71
CA ALA A 220 6.18 -7.78 -6.64
C ALA A 220 6.84 -8.32 -5.36
N THR A 221 7.89 -9.15 -5.56
CA THR A 221 8.62 -9.72 -4.39
C THR A 221 9.47 -8.64 -3.75
N ILE A 222 10.16 -7.83 -4.57
CA ILE A 222 10.85 -6.66 -3.96
C ILE A 222 9.87 -5.78 -3.19
N TYR A 223 8.69 -5.53 -3.76
CA TYR A 223 7.65 -4.75 -3.09
C TYR A 223 7.27 -5.40 -1.76
N TRP A 224 7.04 -6.72 -1.79
CA TRP A 224 6.68 -7.40 -0.54
C TRP A 224 7.70 -7.09 0.54
N PHE A 225 9.00 -7.19 0.20
CA PHE A 225 10.07 -7.09 1.22
C PHE A 225 10.48 -5.64 1.50
N THR A 226 9.79 -4.68 0.89
CA THR A 226 10.07 -3.26 1.13
C THR A 226 8.79 -2.54 1.56
N VAL A 227 7.99 -2.13 0.57
CA VAL A 227 6.76 -1.41 0.88
C VAL A 227 5.86 -2.19 1.84
N GLU A 228 5.75 -3.52 1.70
CA GLU A 228 4.81 -4.22 2.61
C GLU A 228 5.43 -4.67 3.94
N PHE A 229 6.67 -5.22 3.90
CA PHE A 229 7.26 -5.80 5.11
C PHE A 229 8.68 -5.35 5.41
N GLY A 230 8.98 -4.11 4.98
CA GLY A 230 10.34 -3.59 5.11
C GLY A 230 10.72 -3.08 6.47
N LEU A 231 12.01 -3.26 6.81
CA LEU A 231 12.63 -2.58 7.94
C LEU A 231 13.68 -1.63 7.41
N CYS A 232 13.99 -0.55 8.11
CA CYS A 232 15.03 0.35 7.64
C CYS A 232 15.95 0.73 8.78
N LYS A 233 17.20 1.02 8.42
CA LYS A 233 18.12 1.64 9.40
C LYS A 233 17.64 3.04 9.71
N GLN A 234 17.89 3.39 10.98
CA GLN A 234 17.60 4.75 11.42
C GLN A 234 18.68 5.12 12.42
N GLY A 235 19.67 5.91 11.99
CA GLY A 235 20.84 6.12 12.88
C GLY A 235 21.45 4.77 13.22
N ASP A 236 21.66 4.49 14.49
CA ASP A 236 22.18 3.18 14.88
C ASP A 236 21.11 2.14 15.19
N SER A 237 19.85 2.47 14.93
CA SER A 237 18.76 1.55 15.21
C SER A 237 18.15 0.99 13.92
N ILE A 238 17.07 0.23 14.07
CA ILE A 238 16.27 -0.35 13.01
C ILE A 238 14.78 -0.13 13.36
N LYS A 239 13.98 0.26 12.37
CA LYS A 239 12.58 0.58 12.56
C LYS A 239 11.74 -0.07 11.47
N ALA A 240 10.42 -0.19 11.69
CA ALA A 240 9.55 -0.71 10.63
C ALA A 240 9.03 0.38 9.71
N TYR A 241 8.98 0.09 8.40
CA TYR A 241 8.29 1.02 7.50
C TYR A 241 7.32 0.26 6.62
N GLY A 242 7.36 -1.07 6.58
CA GLY A 242 6.42 -1.84 5.74
C GLY A 242 4.96 -1.71 6.23
N ALA A 243 4.03 -1.50 5.29
CA ALA A 243 2.62 -1.28 5.62
C ALA A 243 2.03 -2.52 6.32
N GLY A 244 2.45 -3.70 5.92
CA GLY A 244 1.92 -4.92 6.55
C GLY A 244 2.33 -5.02 8.01
N LEU A 245 3.50 -4.52 8.33
CA LEU A 245 3.98 -4.50 9.71
C LEU A 245 3.23 -3.45 10.52
N LEU A 246 3.12 -2.24 9.93
CA LEU A 246 2.56 -1.10 10.66
C LEU A 246 1.07 -1.31 10.90
N SER A 247 0.44 -2.25 10.19
CA SER A 247 -0.98 -2.49 10.42
C SER A 247 -1.20 -3.82 11.13
N SER A 248 -0.16 -4.45 11.67
CA SER A 248 -0.28 -5.72 12.34
C SER A 248 0.27 -5.60 13.76
N PHE A 249 -0.62 -5.56 14.77
CA PHE A 249 -0.15 -5.40 16.16
C PHE A 249 0.89 -6.44 16.51
N GLY A 250 0.61 -7.71 16.24
CA GLY A 250 1.56 -8.77 16.63
C GLY A 250 2.87 -8.71 15.87
N GLU A 251 2.78 -8.55 14.54
CA GLU A 251 4.02 -8.68 13.77
C GLU A 251 4.85 -7.43 13.94
N LEU A 252 4.24 -6.26 14.23
CA LEU A 252 5.08 -5.07 14.42
C LEU A 252 5.99 -5.25 15.64
N GLN A 253 5.48 -5.91 16.70
CA GLN A 253 6.31 -6.20 17.86
C GLN A 253 7.35 -7.27 17.54
N TYR A 254 6.95 -8.33 16.84
CA TYR A 254 7.87 -9.42 16.53
C TYR A 254 9.04 -8.98 15.66
N CYS A 255 8.73 -8.08 14.70
CA CYS A 255 9.73 -7.83 13.66
C CYS A 255 10.98 -7.16 14.21
N LEU A 256 10.88 -6.53 15.37
CA LEU A 256 12.03 -5.85 15.97
C LEU A 256 12.53 -6.60 17.20
N SER A 257 12.13 -7.85 17.31
CA SER A 257 12.60 -8.77 18.35
C SER A 257 13.76 -9.63 17.86
N GLU A 258 14.27 -10.50 18.75
CA GLU A 258 15.41 -11.34 18.33
C GLU A 258 14.97 -12.49 17.45
N LYS A 259 13.67 -12.72 17.25
CA LYS A 259 13.24 -13.97 16.59
C LYS A 259 13.44 -14.01 15.08
N PRO A 260 13.12 -13.00 14.27
CA PRO A 260 13.31 -13.13 12.83
C PRO A 260 14.78 -13.00 12.47
N LYS A 261 15.04 -13.47 11.25
CA LYS A 261 16.34 -13.24 10.65
C LYS A 261 16.29 -11.91 9.88
N LEU A 262 17.34 -11.12 9.92
CA LEU A 262 17.46 -9.84 9.19
C LEU A 262 18.64 -9.93 8.22
N LEU A 263 18.44 -9.51 6.99
CA LEU A 263 19.51 -9.43 6.01
C LEU A 263 19.48 -8.05 5.32
N PRO A 264 20.60 -7.55 4.86
CA PRO A 264 20.58 -6.30 4.11
C PRO A 264 19.80 -6.45 2.81
N LEU A 265 19.05 -5.39 2.48
CA LEU A 265 18.37 -5.36 1.19
C LEU A 265 19.40 -5.53 0.08
N GLU A 266 19.17 -6.50 -0.82
CA GLU A 266 20.09 -6.84 -1.91
C GLU A 266 19.27 -7.43 -3.03
N LEU A 267 18.95 -6.64 -4.06
CA LEU A 267 17.77 -7.02 -4.85
C LEU A 267 17.99 -8.27 -5.67
N GLU A 268 19.24 -8.64 -6.01
CA GLU A 268 19.36 -9.90 -6.76
C GLU A 268 18.98 -11.07 -5.86
N LYS A 269 19.09 -10.95 -4.54
CA LYS A 269 18.65 -11.98 -3.59
C LYS A 269 17.19 -11.78 -3.21
N THR A 270 16.87 -10.54 -2.85
CA THR A 270 15.52 -10.26 -2.39
C THR A 270 14.47 -10.62 -3.43
N ALA A 271 14.74 -10.33 -4.71
CA ALA A 271 13.73 -10.51 -5.75
C ALA A 271 13.34 -11.97 -5.99
N ILE A 272 14.19 -12.90 -5.51
CA ILE A 272 13.88 -14.30 -5.74
C ILE A 272 13.55 -15.04 -4.45
N GLN A 273 13.46 -14.30 -3.35
CA GLN A 273 13.16 -14.90 -2.05
C GLN A 273 11.70 -15.30 -1.91
N ASN A 274 11.49 -16.53 -1.48
CA ASN A 274 10.12 -16.99 -1.29
C ASN A 274 9.54 -16.45 0.01
N TYR A 275 8.21 -16.36 0.06
CA TYR A 275 7.51 -15.96 1.29
C TYR A 275 6.09 -16.51 1.31
N THR A 276 5.45 -16.45 2.48
CA THR A 276 4.04 -16.74 2.57
C THR A 276 3.35 -15.58 3.28
N VAL A 277 2.02 -15.49 3.13
CA VAL A 277 1.27 -14.38 3.72
C VAL A 277 0.56 -14.75 5.01
N THR A 278 0.61 -16.02 5.42
CA THR A 278 -0.25 -16.55 6.48
C THR A 278 0.42 -16.80 7.82
N GLU A 279 1.64 -16.40 7.97
CA GLU A 279 2.31 -16.41 9.27
C GLU A 279 3.22 -15.19 9.33
N PHE A 280 3.76 -14.88 10.51
CA PHE A 280 4.79 -13.84 10.56
C PHE A 280 5.97 -14.16 9.65
N GLN A 281 6.57 -13.13 9.04
CA GLN A 281 7.73 -13.40 8.16
C GLN A 281 8.91 -13.95 8.95
N PRO A 282 9.55 -15.03 8.52
CA PRO A 282 10.75 -15.49 9.21
C PRO A 282 11.99 -14.65 8.97
N LEU A 283 11.96 -13.83 7.92
CA LEU A 283 13.07 -13.10 7.32
C LEU A 283 12.64 -11.72 6.86
N TYR A 284 13.37 -10.69 7.28
CA TYR A 284 13.13 -9.35 6.77
C TYR A 284 14.41 -8.80 6.13
N TYR A 285 14.21 -7.91 5.15
CA TYR A 285 15.34 -7.22 4.53
C TYR A 285 15.36 -5.77 5.02
N VAL A 286 16.57 -5.33 5.37
CA VAL A 286 16.75 -4.00 5.95
C VAL A 286 17.29 -3.03 4.94
N ALA A 287 16.54 -1.97 4.63
CA ALA A 287 17.01 -0.92 3.74
C ALA A 287 17.95 0.02 4.50
N GLU A 288 19.03 0.46 3.88
CA GLU A 288 19.88 1.51 4.45
C GLU A 288 19.15 2.84 4.61
N SER A 289 18.29 3.14 3.64
CA SER A 289 17.52 4.36 3.53
C SER A 289 16.56 4.25 2.34
N PHE A 290 15.55 5.12 2.27
CA PHE A 290 14.69 5.01 1.08
C PHE A 290 15.43 5.46 -0.16
N ASN A 291 16.32 6.45 -0.05
CA ASN A 291 17.07 6.85 -1.25
C ASN A 291 17.98 5.73 -1.74
N ASP A 292 18.58 4.97 -0.79
CA ASP A 292 19.45 3.85 -1.21
C ASP A 292 18.62 2.77 -1.86
N ALA A 293 17.47 2.46 -1.25
CA ALA A 293 16.59 1.47 -1.84
C ALA A 293 16.15 1.92 -3.23
N LYS A 294 15.89 3.22 -3.38
CA LYS A 294 15.48 3.70 -4.70
C LYS A 294 16.57 3.49 -5.75
N GLU A 295 17.83 3.79 -5.40
CA GLU A 295 18.93 3.62 -6.35
C GLU A 295 19.07 2.13 -6.67
N LYS A 296 18.85 1.25 -5.67
CA LYS A 296 18.92 -0.18 -5.94
C LYS A 296 17.86 -0.62 -6.92
N VAL A 297 16.64 -0.10 -6.73
CA VAL A 297 15.58 -0.45 -7.67
C VAL A 297 15.90 0.05 -9.08
N ARG A 298 16.41 1.29 -9.20
CA ARG A 298 16.79 1.84 -10.48
C ARG A 298 17.83 0.94 -11.15
N ASN A 299 18.81 0.45 -10.39
CA ASN A 299 19.81 -0.44 -10.97
C ASN A 299 19.21 -1.78 -11.36
N PHE A 300 18.31 -2.33 -10.55
CA PHE A 300 17.66 -3.58 -10.93
C PHE A 300 16.84 -3.39 -12.19
N ALA A 301 16.13 -2.27 -12.29
CA ALA A 301 15.24 -2.01 -13.42
C ALA A 301 15.99 -2.01 -14.76
N ALA A 302 17.26 -1.61 -14.70
CA ALA A 302 18.07 -1.56 -15.93
C ALA A 302 18.30 -2.96 -16.46
N THR A 303 18.09 -3.96 -15.61
CA THR A 303 18.37 -5.34 -16.01
C THR A 303 17.13 -6.00 -16.62
N ILE A 304 15.99 -5.34 -16.51
CA ILE A 304 14.74 -5.84 -17.06
C ILE A 304 14.76 -5.63 -18.57
N PRO A 305 14.57 -6.70 -19.35
CA PRO A 305 14.45 -6.58 -20.80
C PRO A 305 13.24 -5.75 -21.21
N ARG A 306 13.53 -4.54 -21.70
CA ARG A 306 12.52 -3.60 -22.17
C ARG A 306 13.16 -2.83 -23.32
N PRO A 307 12.55 -2.76 -24.47
CA PRO A 307 13.25 -2.11 -25.60
C PRO A 307 13.22 -0.59 -25.49
N PHE A 308 12.90 0.01 -24.36
CA PHE A 308 12.76 1.44 -24.14
C PHE A 308 13.13 1.79 -22.69
N SER A 309 13.34 3.05 -22.37
CA SER A 309 13.34 3.55 -20.99
C SER A 309 12.10 4.43 -20.78
N VAL A 310 11.76 4.68 -19.53
CA VAL A 310 10.57 5.46 -19.18
C VAL A 310 10.93 6.54 -18.15
N ARG A 311 10.15 7.61 -18.11
CA ARG A 311 10.24 8.65 -17.11
C ARG A 311 8.84 9.25 -16.98
N TYR A 312 8.46 9.61 -15.77
CA TYR A 312 7.20 10.30 -15.55
C TYR A 312 7.40 11.81 -15.64
N ASP A 313 6.54 12.50 -16.35
CA ASP A 313 6.56 13.97 -16.34
C ASP A 313 5.42 14.48 -15.47
N PRO A 314 5.72 14.97 -14.27
CA PRO A 314 4.65 15.43 -13.40
C PRO A 314 3.99 16.71 -13.92
N TYR A 315 4.66 17.41 -14.85
CA TYR A 315 3.97 18.61 -15.36
C TYR A 315 2.76 18.31 -16.23
N THR A 316 2.81 17.19 -16.97
CA THR A 316 1.75 16.81 -17.91
C THR A 316 1.03 15.52 -17.50
N GLN A 317 1.52 14.85 -16.44
CA GLN A 317 1.00 13.59 -15.95
C GLN A 317 1.00 12.54 -17.05
N ARG A 318 2.12 12.48 -17.78
CA ARG A 318 2.33 11.49 -18.80
C ARG A 318 3.67 10.78 -18.60
N ILE A 319 3.70 9.54 -19.06
CA ILE A 319 4.94 8.79 -19.13
C ILE A 319 5.66 9.07 -20.45
N GLU A 320 6.93 9.46 -20.35
CA GLU A 320 7.69 9.63 -21.59
C GLU A 320 8.44 8.35 -21.87
N VAL A 321 8.27 7.79 -23.07
CA VAL A 321 8.91 6.55 -23.49
C VAL A 321 9.99 6.85 -24.52
N LEU A 322 11.23 6.49 -24.16
CA LEU A 322 12.34 6.69 -25.09
C LEU A 322 12.72 5.36 -25.72
FE FE2 B . -0.75 -3.21 1.48
N1 H4B C . -4.29 -4.93 -5.29
C2 H4B C . -4.77 -4.03 -4.44
N2 H4B C . -5.99 -3.46 -4.74
N3 H4B C . -4.11 -3.55 -3.33
C4 H4B C . -2.73 -3.89 -3.09
O4 H4B C . -2.15 -3.50 -2.05
C4A H4B C . -2.23 -4.87 -4.01
C8A H4B C . -3.02 -5.41 -5.02
N5 H4B C . -0.92 -5.38 -3.79
N8 H4B C . -2.45 -6.25 -5.93
C6 H4B C . -0.20 -5.96 -4.94
C7 H4B C . -1.14 -6.89 -5.69
C9 H4B C . 1.12 -6.49 -4.32
O9 H4B C . 0.86 -7.66 -3.51
C10 H4B C . 2.19 -6.99 -5.34
C11 H4B C . 2.68 -5.86 -6.22
O10 H4B C . 1.49 -8.03 -6.09
#